data_5UR4
#
_entry.id   5UR4
#
_cell.length_a   98.427
_cell.length_b   98.427
_cell.length_c   71.467
_cell.angle_alpha   90.00
_cell.angle_beta   90.00
_cell.angle_gamma   120.00
#
_symmetry.space_group_name_H-M   'P 64 2 2'
#
loop_
_entity.id
_entity.type
_entity.pdbx_description
1 polymer 'Abscisic acid receptor PYR1'
2 non-polymer 4-bromo-N-(pyridin-2-ylmethyl)naphthalene-1-sulfonamide
3 non-polymer GLYCEROL
4 water water
#
_entity_poly.entity_id   1
_entity_poly.type   'polypeptide(L)'
_entity_poly.pdbx_seq_one_letter_code
;MPSELTPEERSELKNSIAEFHTYQLDPGSCSSLHAQRIHAPPELVWSIVRRFDKPQTYKHFIKSCSVEQNFEMRVGCTRD
VIVISGLPANTSTERLDILDDERRVTGFSIIGGEHRLTNYKSVTTVHRFEKENRIWTVVLESYVVDMPEGNSEDDTRMFA
DTVVKLNLQKLATVAEAMARN
;
_entity_poly.pdbx_strand_id   A
#
loop_
_chem_comp.id
_chem_comp.type
_chem_comp.name
_chem_comp.formula
GOL non-polymer GLYCEROL 'C3 H8 O3'
PYV non-polymer 4-bromo-N-(pyridin-2-ylmethyl)naphthalene-1-sulfonamide 'C16 H13 Br N2 O2 S'
#
# COMPACT_ATOMS: atom_id res chain seq x y z
N MET A 1 -17.34 -1.82 8.88
CA MET A 1 -16.04 -1.49 9.42
C MET A 1 -15.21 -0.75 8.37
N PRO A 2 -14.21 0.01 8.80
CA PRO A 2 -13.43 0.79 7.82
C PRO A 2 -12.68 -0.07 6.84
N SER A 3 -12.56 -1.38 7.07
CA SER A 3 -11.86 -2.28 6.15
C SER A 3 -12.81 -3.14 5.34
N GLU A 4 -14.12 -2.87 5.38
CA GLU A 4 -15.13 -3.65 4.68
C GLU A 4 -15.93 -2.72 3.77
N LEU A 5 -15.75 -2.89 2.46
CA LEU A 5 -16.43 -2.04 1.49
C LEU A 5 -17.94 -2.16 1.62
N THR A 6 -18.65 -1.04 1.44
CA THR A 6 -20.09 -1.12 1.25
C THR A 6 -20.38 -1.71 -0.13
N PRO A 7 -21.55 -2.30 -0.32
CA PRO A 7 -21.93 -2.73 -1.68
C PRO A 7 -21.79 -1.63 -2.73
N GLU A 8 -22.15 -0.39 -2.38
CA GLU A 8 -22.00 0.72 -3.32
C GLU A 8 -20.52 0.98 -3.66
N GLU A 9 -19.66 0.97 -2.65
CA GLU A 9 -18.23 1.14 -2.93
C GLU A 9 -17.69 -0.01 -3.76
N ARG A 10 -18.09 -1.24 -3.43
CA ARG A 10 -17.61 -2.39 -4.19
C ARG A 10 -18.03 -2.32 -5.65
N SER A 11 -19.26 -1.86 -5.90
N SER A 11 -19.26 -1.85 -5.91
N SER A 11 -19.25 -1.84 -5.92
CA SER A 11 -19.71 -1.74 -7.29
CA SER A 11 -19.71 -1.74 -7.29
CA SER A 11 -19.70 -1.74 -7.30
C SER A 11 -18.91 -0.67 -8.02
C SER A 11 -18.93 -0.67 -8.03
C SER A 11 -18.94 -0.66 -8.05
N GLU A 12 -18.67 0.47 -7.38
CA GLU A 12 -17.90 1.53 -8.01
C GLU A 12 -16.46 1.09 -8.29
N LEU A 13 -15.93 0.17 -7.50
CA LEU A 13 -14.54 -0.24 -7.60
C LEU A 13 -14.33 -1.51 -8.42
N LYS A 14 -15.40 -2.03 -9.04
CA LYS A 14 -15.33 -3.30 -9.73
C LYS A 14 -14.23 -3.28 -10.79
N ASN A 15 -14.18 -2.21 -11.59
CA ASN A 15 -13.18 -2.15 -12.66
C ASN A 15 -11.77 -2.05 -12.10
N SER A 16 -11.58 -1.26 -11.03
CA SER A 16 -10.25 -1.10 -10.45
C SER A 16 -9.76 -2.39 -9.81
N ILE A 17 -10.67 -3.11 -9.13
CA ILE A 17 -10.29 -4.38 -8.54
C ILE A 17 -9.88 -5.38 -9.62
N ALA A 18 -10.61 -5.39 -10.75
CA ALA A 18 -10.24 -6.23 -11.88
C ALA A 18 -8.92 -5.79 -12.49
N GLU A 19 -8.71 -4.49 -12.62
CA GLU A 19 -7.52 -4.01 -13.33
C GLU A 19 -6.23 -4.27 -12.54
N PHE A 20 -6.25 -4.01 -11.23
CA PHE A 20 -5.03 -3.97 -10.45
C PHE A 20 -4.93 -5.03 -9.36
N HIS A 21 -6.05 -5.63 -8.95
CA HIS A 21 -6.06 -6.35 -7.68
C HIS A 21 -6.59 -7.77 -7.83
N THR A 22 -6.59 -8.30 -9.05
CA THR A 22 -7.07 -9.64 -9.34
C THR A 22 -5.95 -10.42 -10.02
N TYR A 23 -5.70 -11.63 -9.56
CA TYR A 23 -4.51 -12.37 -9.98
C TYR A 23 -4.89 -13.71 -10.58
N GLN A 24 -4.23 -14.05 -11.68
CA GLN A 24 -4.32 -15.37 -12.30
C GLN A 24 -3.13 -16.16 -11.75
N LEU A 25 -3.38 -16.91 -10.69
CA LEU A 25 -2.32 -17.47 -9.87
C LEU A 25 -1.85 -18.82 -10.39
N ASP A 26 -0.53 -18.99 -10.42
CA ASP A 26 0.04 -20.32 -10.53
C ASP A 26 -0.24 -21.09 -9.24
N PRO A 27 -0.17 -22.42 -9.27
CA PRO A 27 -0.44 -23.20 -8.05
C PRO A 27 0.54 -22.91 -6.92
N GLY A 28 1.70 -22.32 -7.19
CA GLY A 28 2.67 -21.99 -6.17
C GLY A 28 2.57 -20.58 -5.60
N SER A 29 1.51 -19.84 -5.89
CA SER A 29 1.38 -18.46 -5.46
C SER A 29 0.05 -18.27 -4.73
N CYS A 30 -0.04 -17.15 -4.01
CA CYS A 30 -1.30 -16.74 -3.41
C CYS A 30 -1.37 -15.22 -3.42
N SER A 31 -2.59 -14.71 -3.27
CA SER A 31 -2.81 -13.28 -3.29
C SER A 31 -3.83 -12.88 -2.23
N SER A 32 -3.90 -11.57 -1.96
N SER A 32 -3.85 -11.59 -1.92
CA SER A 32 -4.81 -11.05 -0.95
CA SER A 32 -4.80 -11.02 -0.98
C SER A 32 -5.08 -9.56 -1.22
C SER A 32 -5.13 -9.62 -1.44
N LEU A 33 -6.33 -9.16 -1.08
CA LEU A 33 -6.75 -7.78 -1.31
C LEU A 33 -7.31 -7.22 -0.01
N HIS A 34 -6.86 -6.02 0.35
CA HIS A 34 -7.29 -5.32 1.54
C HIS A 34 -7.83 -3.95 1.16
N ALA A 35 -8.84 -3.47 1.90
CA ALA A 35 -9.45 -2.18 1.65
C ALA A 35 -9.45 -1.36 2.93
N GLN A 36 -9.37 -0.04 2.78
CA GLN A 36 -9.39 0.87 3.93
C GLN A 36 -10.10 2.16 3.55
N ARG A 37 -11.18 2.46 4.24
CA ARG A 37 -11.86 3.72 4.07
C ARG A 37 -11.15 4.79 4.87
N ILE A 38 -10.98 5.97 4.28
CA ILE A 38 -10.29 7.08 4.92
C ILE A 38 -11.13 8.33 4.73
N HIS A 39 -11.43 9.01 5.83
CA HIS A 39 -12.29 10.19 5.79
C HIS A 39 -11.43 11.44 5.66
N ALA A 40 -10.87 11.55 4.46
CA ALA A 40 -9.96 12.63 4.06
C ALA A 40 -9.93 12.67 2.54
N PRO A 41 -9.49 13.78 1.95
CA PRO A 41 -9.48 13.90 0.48
C PRO A 41 -8.48 12.93 -0.13
N PRO A 42 -8.80 12.36 -1.29
CA PRO A 42 -7.88 11.36 -1.87
C PRO A 42 -6.53 11.93 -2.29
N GLU A 43 -6.45 13.19 -2.68
CA GLU A 43 -5.14 13.72 -3.02
C GLU A 43 -4.26 13.89 -1.78
N LEU A 44 -4.85 14.14 -0.61
CA LEU A 44 -4.08 14.14 0.62
C LEU A 44 -3.55 12.74 0.93
N VAL A 45 -4.42 11.74 0.87
CA VAL A 45 -3.99 10.35 1.08
C VAL A 45 -2.88 10.00 0.11
N TRP A 46 -3.04 10.36 -1.16
CA TRP A 46 -2.03 10.03 -2.17
C TRP A 46 -0.71 10.72 -1.86
N SER A 47 -0.75 11.99 -1.43
CA SER A 47 0.50 12.71 -1.15
C SER A 47 1.31 12.00 -0.07
N ILE A 48 0.66 11.28 0.83
CA ILE A 48 1.37 10.54 1.88
C ILE A 48 1.93 9.25 1.34
N VAL A 49 1.06 8.42 0.74
CA VAL A 49 1.44 7.05 0.39
C VAL A 49 2.36 6.99 -0.81
N ARG A 50 2.43 8.05 -1.63
CA ARG A 50 3.29 8.01 -2.80
C ARG A 50 4.78 8.18 -2.47
N ARG A 51 5.13 8.55 -1.24
CA ARG A 51 6.52 8.81 -0.87
C ARG A 51 7.25 7.49 -0.63
N PHE A 52 7.76 6.92 -1.72
CA PHE A 52 8.48 5.65 -1.69
C PHE A 52 9.70 5.72 -0.80
N ASP A 53 10.30 6.90 -0.66
CA ASP A 53 11.50 7.04 0.17
C ASP A 53 11.21 7.11 1.67
N LYS A 54 9.96 7.27 2.08
CA LYS A 54 9.62 7.48 3.49
C LYS A 54 8.51 6.54 3.95
N PRO A 55 8.65 5.22 3.73
CA PRO A 55 7.56 4.30 4.11
C PRO A 55 7.27 4.33 5.60
N GLN A 56 8.26 4.66 6.43
CA GLN A 56 8.02 4.66 7.87
C GLN A 56 7.01 5.72 8.29
N THR A 57 6.67 6.66 7.42
CA THR A 57 5.70 7.68 7.78
C THR A 57 4.26 7.20 7.60
N TYR A 58 4.04 6.07 6.93
CA TYR A 58 2.69 5.55 6.79
C TYR A 58 2.62 4.04 6.99
N LYS A 59 3.72 3.41 7.41
CA LYS A 59 3.74 1.98 7.72
C LYS A 59 4.30 1.76 9.11
N HIS A 60 3.91 0.61 9.68
CA HIS A 60 4.52 0.09 10.90
C HIS A 60 5.77 -0.71 10.57
N PHE A 61 6.49 -1.14 11.62
CA PHE A 61 7.50 -2.18 11.60
C PHE A 61 8.83 -1.77 10.98
N ILE A 62 9.05 -0.50 10.65
CA ILE A 62 10.28 -0.09 9.97
C ILE A 62 11.19 0.63 10.95
N LYS A 63 12.40 0.12 11.10
CA LYS A 63 13.41 0.78 11.92
C LYS A 63 14.10 1.90 11.16
N SER A 64 14.45 1.66 9.90
CA SER A 64 15.07 2.68 9.07
C SER A 64 14.89 2.29 7.61
N CYS A 65 15.01 3.30 6.74
CA CYS A 65 14.86 3.12 5.30
C CYS A 65 15.87 4.00 4.60
N SER A 66 16.73 3.39 3.77
N SER A 66 16.73 3.38 3.78
CA SER A 66 17.79 4.08 3.07
CA SER A 66 17.79 4.06 3.07
C SER A 66 17.50 4.11 1.58
C SER A 66 17.47 4.10 1.57
N VAL A 67 17.59 5.29 0.98
CA VAL A 67 17.51 5.47 -0.46
C VAL A 67 18.67 6.35 -0.89
N GLU A 68 18.95 6.36 -2.20
CA GLU A 68 19.98 7.25 -2.67
C GLU A 68 19.53 8.69 -2.47
N GLN A 69 20.48 9.56 -2.16
CA GLN A 69 20.14 10.91 -1.78
C GLN A 69 20.13 11.82 -3.01
N ASN A 70 19.42 12.94 -2.86
CA ASN A 70 19.38 13.99 -3.88
C ASN A 70 18.87 13.44 -5.22
N PHE A 71 17.81 12.66 -5.15
CA PHE A 71 17.23 12.05 -6.35
C PHE A 71 15.74 11.84 -6.14
N GLU A 72 14.93 12.38 -7.04
N GLU A 72 14.94 12.37 -7.04
CA GLU A 72 13.50 12.17 -6.96
CA GLU A 72 13.50 12.17 -6.96
C GLU A 72 13.18 10.71 -7.28
C GLU A 72 13.17 10.72 -7.28
N MET A 73 12.43 10.07 -6.38
CA MET A 73 12.08 8.66 -6.59
C MET A 73 11.27 8.49 -7.87
N ARG A 74 11.59 7.45 -8.62
CA ARG A 74 10.91 7.13 -9.86
C ARG A 74 10.94 5.62 -10.04
N VAL A 75 10.11 5.12 -10.97
CA VAL A 75 10.06 3.68 -11.20
C VAL A 75 11.46 3.14 -11.46
N GLY A 76 11.80 2.07 -10.75
CA GLY A 76 13.11 1.46 -10.80
C GLY A 76 13.98 1.76 -9.60
N CYS A 77 13.69 2.82 -8.86
CA CYS A 77 14.44 3.13 -7.65
CA CYS A 77 14.49 3.11 -7.67
C CYS A 77 14.25 2.03 -6.62
N THR A 78 15.25 1.85 -5.76
CA THR A 78 15.14 0.88 -4.70
C THR A 78 15.32 1.55 -3.34
N ARG A 79 14.84 0.86 -2.32
CA ARG A 79 15.00 1.28 -0.94
C ARG A 79 15.45 0.07 -0.12
N ASP A 80 16.29 0.33 0.87
CA ASP A 80 16.82 -0.69 1.80
C ASP A 80 16.16 -0.45 3.14
N VAL A 81 15.33 -1.39 3.58
CA VAL A 81 14.57 -1.26 4.81
C VAL A 81 15.15 -2.19 5.87
N ILE A 82 15.35 -1.66 7.08
CA ILE A 82 15.60 -2.50 8.24
C ILE A 82 14.29 -2.63 9.00
N VAL A 83 13.87 -3.87 9.25
CA VAL A 83 12.64 -4.18 9.97
C VAL A 83 12.94 -4.20 11.46
N ILE A 84 11.99 -3.69 12.28
CA ILE A 84 12.21 -3.68 13.71
C ILE A 84 12.35 -5.13 14.21
N SER A 85 13.00 -5.27 15.36
N SER A 85 13.00 -5.27 15.36
CA SER A 85 13.26 -6.59 15.93
CA SER A 85 13.25 -6.60 15.91
C SER A 85 11.96 -7.30 16.29
C SER A 85 11.94 -7.30 16.24
N GLY A 86 12.00 -8.63 16.23
CA GLY A 86 10.87 -9.44 16.65
C GLY A 86 9.96 -9.94 15.55
N LEU A 87 10.32 -9.76 14.28
CA LEU A 87 9.47 -10.15 13.17
C LEU A 87 10.14 -11.24 12.35
N PRO A 88 9.43 -11.92 11.44
CA PRO A 88 10.10 -12.94 10.60
C PRO A 88 10.85 -12.34 9.43
N ALA A 89 11.49 -11.20 9.67
CA ALA A 89 12.24 -10.48 8.64
C ALA A 89 13.22 -9.55 9.34
N ASN A 90 14.40 -9.38 8.75
CA ASN A 90 15.37 -8.40 9.24
C ASN A 90 15.59 -7.24 8.29
N THR A 91 15.69 -7.50 6.99
CA THR A 91 15.87 -6.46 6.00
C THR A 91 15.03 -6.77 4.78
N SER A 92 14.78 -5.72 4.00
CA SER A 92 14.05 -5.87 2.76
C SER A 92 14.57 -4.85 1.76
N THR A 93 14.95 -5.29 0.57
CA THR A 93 15.27 -4.37 -0.52
C THR A 93 14.09 -4.39 -1.49
N GLU A 94 13.56 -3.21 -1.77
CA GLU A 94 12.29 -3.09 -2.48
C GLU A 94 12.45 -2.15 -3.65
N ARG A 95 11.83 -2.51 -4.78
N ARG A 95 11.78 -2.47 -4.76
CA ARG A 95 11.89 -1.74 -6.00
CA ARG A 95 11.89 -1.75 -6.01
C ARG A 95 10.55 -1.06 -6.26
C ARG A 95 10.55 -1.10 -6.35
N LEU A 96 10.59 0.20 -6.64
CA LEU A 96 9.37 0.92 -6.99
C LEU A 96 8.95 0.52 -8.39
N ASP A 97 7.75 -0.08 -8.53
CA ASP A 97 7.28 -0.64 -9.79
C ASP A 97 6.38 0.31 -10.56
N ILE A 98 5.55 1.07 -9.85
CA ILE A 98 4.54 1.94 -10.43
C ILE A 98 4.52 3.23 -9.62
N LEU A 99 4.45 4.38 -10.31
CA LEU A 99 4.21 5.65 -9.64
C LEU A 99 3.42 6.52 -10.62
N ASP A 100 2.10 6.42 -10.54
CA ASP A 100 1.19 7.10 -11.46
C ASP A 100 0.45 8.16 -10.65
N ASP A 101 0.90 9.42 -10.78
CA ASP A 101 0.30 10.52 -10.02
C ASP A 101 -1.07 10.90 -10.56
N GLU A 102 -1.34 10.67 -11.84
CA GLU A 102 -2.65 10.99 -12.39
C GLU A 102 -3.71 10.03 -11.88
N ARG A 103 -3.41 8.73 -11.93
CA ARG A 103 -4.38 7.71 -11.53
C ARG A 103 -4.28 7.32 -10.05
N ARG A 104 -3.23 7.78 -9.35
CA ARG A 104 -3.00 7.45 -7.94
C ARG A 104 -2.80 5.95 -7.75
N VAL A 105 -1.81 5.41 -8.45
CA VAL A 105 -1.42 4.01 -8.37
C VAL A 105 0.05 3.95 -8.01
N THR A 106 0.40 3.15 -7.02
CA THR A 106 1.79 2.84 -6.78
C THR A 106 1.93 1.35 -6.47
N GLY A 107 3.16 0.87 -6.51
CA GLY A 107 3.38 -0.52 -6.17
C GLY A 107 4.86 -0.80 -6.10
N PHE A 108 5.21 -1.90 -5.43
CA PHE A 108 6.61 -2.27 -5.30
C PHE A 108 6.76 -3.78 -5.27
N SER A 109 7.99 -4.22 -5.54
CA SER A 109 8.41 -5.61 -5.45
C SER A 109 9.53 -5.74 -4.45
N ILE A 110 9.48 -6.80 -3.65
CA ILE A 110 10.60 -7.13 -2.76
C ILE A 110 11.59 -7.96 -3.55
N ILE A 111 12.80 -7.41 -3.76
CA ILE A 111 13.80 -8.01 -4.63
C ILE A 111 14.98 -8.60 -3.87
N GLY A 112 15.03 -8.41 -2.55
CA GLY A 112 16.14 -8.92 -1.79
C GLY A 112 15.87 -8.71 -0.32
N GLY A 113 16.85 -9.07 0.49
CA GLY A 113 16.76 -8.89 1.92
C GLY A 113 16.72 -10.22 2.65
N GLU A 114 16.84 -10.13 3.97
CA GLU A 114 16.80 -11.28 4.86
C GLU A 114 15.39 -11.40 5.40
N HIS A 115 14.62 -12.31 4.82
CA HIS A 115 13.21 -12.53 5.16
C HIS A 115 12.78 -13.79 4.43
N ARG A 116 11.52 -14.17 4.62
CA ARG A 116 11.01 -15.46 4.16
C ARG A 116 10.21 -15.37 2.87
N LEU A 117 9.96 -14.18 2.35
CA LEU A 117 9.06 -14.00 1.23
C LEU A 117 9.79 -14.13 -0.10
N THR A 118 9.17 -14.85 -1.03
CA THR A 118 9.70 -14.99 -2.38
C THR A 118 8.72 -14.36 -3.35
N ASN A 119 9.21 -13.44 -4.17
CA ASN A 119 8.43 -12.85 -5.27
C ASN A 119 7.21 -12.09 -4.76
N TYR A 120 7.38 -11.39 -3.64
CA TYR A 120 6.31 -10.51 -3.15
C TYR A 120 6.23 -9.27 -4.02
N LYS A 121 5.01 -8.93 -4.45
CA LYS A 121 4.76 -7.75 -5.25
C LYS A 121 3.40 -7.20 -4.83
N SER A 122 3.32 -5.90 -4.59
CA SER A 122 2.05 -5.32 -4.17
CA SER A 122 2.12 -5.25 -4.09
C SER A 122 1.73 -4.08 -4.99
N VAL A 123 0.43 -3.77 -5.02
CA VAL A 123 -0.10 -2.62 -5.75
C VAL A 123 -1.13 -1.93 -4.86
N THR A 124 -1.05 -0.60 -4.80
CA THR A 124 -1.92 0.22 -3.96
C THR A 124 -2.59 1.27 -4.84
N THR A 125 -3.91 1.38 -4.74
CA THR A 125 -4.65 2.36 -5.51
C THR A 125 -5.52 3.20 -4.57
N VAL A 126 -5.67 4.47 -4.90
CA VAL A 126 -6.35 5.46 -4.07
C VAL A 126 -7.55 5.99 -4.84
N HIS A 127 -8.74 5.89 -4.23
CA HIS A 127 -9.99 6.14 -4.95
C HIS A 127 -10.82 7.23 -4.28
N ARG A 128 -11.42 8.07 -5.10
CA ARG A 128 -12.27 9.17 -4.66
C ARG A 128 -13.73 8.75 -4.63
N PHE A 129 -14.40 9.04 -3.52
CA PHE A 129 -15.82 8.85 -3.40
C PHE A 129 -16.49 10.16 -2.98
N GLU A 130 -17.70 10.39 -3.48
N GLU A 130 -17.71 10.36 -3.47
CA GLU A 130 -18.44 11.58 -3.13
CA GLU A 130 -18.45 11.58 -3.18
C GLU A 130 -19.93 11.27 -3.10
C GLU A 130 -19.93 11.27 -3.11
N LYS A 131 -20.60 11.79 -2.08
CA LYS A 131 -22.05 11.71 -1.97
C LYS A 131 -22.50 12.97 -1.26
N GLU A 132 -23.39 13.74 -1.89
CA GLU A 132 -23.85 15.05 -1.39
C GLU A 132 -22.60 15.89 -1.11
N ASN A 133 -22.51 16.60 0.01
CA ASN A 133 -21.34 17.47 0.18
C ASN A 133 -20.06 16.73 0.58
N ARG A 134 -20.08 15.40 0.70
CA ARG A 134 -19.07 14.66 1.46
C ARG A 134 -18.15 13.87 0.54
N ILE A 135 -16.85 14.08 0.69
CA ILE A 135 -15.84 13.41 -0.13
C ILE A 135 -14.97 12.57 0.80
N TRP A 136 -14.77 11.30 0.45
CA TRP A 136 -13.90 10.41 1.21
C TRP A 136 -13.06 9.59 0.26
N THR A 137 -12.20 8.75 0.84
CA THR A 137 -11.24 7.96 0.08
C THR A 137 -11.41 6.50 0.44
N VAL A 138 -11.18 5.63 -0.54
CA VAL A 138 -10.93 4.22 -0.29
C VAL A 138 -9.57 3.88 -0.85
N VAL A 139 -8.73 3.23 -0.05
CA VAL A 139 -7.45 2.69 -0.51
C VAL A 139 -7.59 1.19 -0.67
N LEU A 140 -7.15 0.67 -1.81
CA LEU A 140 -7.07 -0.76 -2.06
C LEU A 140 -5.61 -1.17 -2.14
N GLU A 141 -5.24 -2.23 -1.43
CA GLU A 141 -3.87 -2.74 -1.53
C GLU A 141 -3.94 -4.25 -1.66
N SER A 142 -3.28 -4.78 -2.69
CA SER A 142 -3.24 -6.21 -2.89
C SER A 142 -1.79 -6.63 -3.09
N TYR A 143 -1.52 -7.90 -2.81
CA TYR A 143 -0.20 -8.47 -3.08
C TYR A 143 -0.35 -9.87 -3.63
N VAL A 144 0.69 -10.32 -4.30
CA VAL A 144 0.90 -11.72 -4.67
C VAL A 144 2.26 -12.12 -4.15
N VAL A 145 2.41 -13.39 -3.78
CA VAL A 145 3.64 -13.88 -3.20
C VAL A 145 3.66 -15.40 -3.38
N ASP A 146 4.87 -15.97 -3.45
CA ASP A 146 5.00 -17.42 -3.52
C ASP A 146 4.70 -18.05 -2.16
N MET A 147 4.21 -19.29 -2.20
CA MET A 147 3.91 -20.01 -0.96
C MET A 147 5.12 -20.78 -0.44
N ARG A 157 0.88 -16.13 4.69
CA ARG A 157 -0.15 -15.21 4.25
C ARG A 157 -0.78 -14.44 5.41
N MET A 158 -1.12 -15.15 6.49
CA MET A 158 -1.85 -14.50 7.59
C MET A 158 -1.03 -13.37 8.20
N PHE A 159 0.29 -13.49 8.25
CA PHE A 159 1.13 -12.42 8.80
C PHE A 159 1.20 -11.24 7.84
N ALA A 160 1.44 -11.49 6.55
CA ALA A 160 1.48 -10.41 5.58
C ALA A 160 0.16 -9.66 5.54
N ASP A 161 -0.96 -10.40 5.67
CA ASP A 161 -2.28 -9.76 5.71
C ASP A 161 -2.38 -8.79 6.88
N THR A 162 -1.87 -9.20 8.06
CA THR A 162 -1.92 -8.34 9.22
C THR A 162 -1.05 -7.09 9.02
N VAL A 163 0.13 -7.25 8.41
CA VAL A 163 0.99 -6.11 8.12
C VAL A 163 0.27 -5.11 7.22
N VAL A 164 -0.34 -5.61 6.14
CA VAL A 164 -1.03 -4.70 5.21
C VAL A 164 -2.18 -4.00 5.91
N LYS A 165 -2.99 -4.75 6.65
CA LYS A 165 -4.15 -4.17 7.33
CA LYS A 165 -4.15 -4.16 7.32
C LYS A 165 -3.73 -3.07 8.29
N LEU A 166 -2.70 -3.34 9.10
CA LEU A 166 -2.26 -2.33 10.05
C LEU A 166 -1.64 -1.13 9.37
N ASN A 167 -0.90 -1.34 8.28
CA ASN A 167 -0.32 -0.23 7.53
C ASN A 167 -1.41 0.65 6.93
N LEU A 168 -2.45 0.04 6.37
CA LEU A 168 -3.53 0.85 5.82
C LEU A 168 -4.23 1.65 6.91
N GLN A 169 -4.33 1.07 8.10
N GLN A 169 -4.38 1.05 8.10
CA GLN A 169 -4.93 1.78 9.23
CA GLN A 169 -4.93 1.78 9.24
C GLN A 169 -4.05 2.94 9.70
C GLN A 169 -4.05 2.97 9.60
N LYS A 170 -2.73 2.78 9.64
CA LYS A 170 -1.84 3.88 9.97
C LYS A 170 -1.99 5.01 8.96
N LEU A 171 -2.04 4.66 7.67
CA LEU A 171 -2.28 5.67 6.64
C LEU A 171 -3.57 6.43 6.92
N ALA A 172 -4.62 5.72 7.32
CA ALA A 172 -5.89 6.39 7.64
C ALA A 172 -5.71 7.35 8.81
N THR A 173 -4.99 6.92 9.85
N THR A 173 -5.00 6.93 9.86
CA THR A 173 -4.80 7.76 11.03
CA THR A 173 -4.84 7.81 11.02
C THR A 173 -4.03 9.03 10.69
C THR A 173 -4.05 9.05 10.66
N VAL A 174 -3.00 8.91 9.86
CA VAL A 174 -2.19 10.06 9.47
C VAL A 174 -3.02 11.04 8.65
N ALA A 175 -3.70 10.52 7.62
CA ALA A 175 -4.48 11.40 6.75
C ALA A 175 -5.62 12.09 7.50
N GLU A 176 -6.34 11.34 8.35
CA GLU A 176 -7.43 11.95 9.10
C GLU A 176 -6.93 12.96 10.12
N ALA A 177 -5.74 12.75 10.69
CA ALA A 177 -5.16 13.75 11.58
C ALA A 177 -4.84 15.04 10.82
N MET A 178 -4.29 14.91 9.61
CA MET A 178 -3.96 16.08 8.79
C MET A 178 -5.20 16.80 8.29
N ALA A 179 -6.31 16.08 8.10
CA ALA A 179 -7.51 16.68 7.54
C ALA A 179 -8.37 17.43 8.55
N ARG A 180 -8.12 17.31 9.85
CA ARG A 180 -8.92 18.02 10.84
C ARG A 180 -8.85 19.52 10.64
N ASN A 181 -10.00 20.19 10.52
CA ASN A 181 -9.96 21.65 10.44
C ASN A 181 -10.27 22.30 11.80
S PYV B . 8.74 -4.13 5.16
BR PYV B . 6.80 -9.07 8.61
C1 PYV B . 7.40 -7.63 7.54
N1 PYV B . 8.13 -4.34 3.69
O1 PYV B . 10.16 -4.07 5.03
C2 PYV B . 8.18 -7.85 6.40
N2 PYV B . 4.48 -4.99 3.55
O2 PYV B . 8.17 -2.94 5.74
C3 PYV B . 8.63 -6.76 5.63
C4 PYV B . 8.30 -5.45 6.00
C5 PYV B . 7.51 -5.26 7.14
C6 PYV B . 7.06 -6.33 7.91
C7 PYV B . 9.42 -7.02 4.51
C8 PYV B . 9.74 -8.33 4.16
C9 PYV B . 9.28 -9.39 4.92
C10 PYV B . 8.50 -9.15 6.04
C11 PYV B . 6.74 -4.03 3.41
C12 PYV B . 5.81 -5.23 3.46
C13 PYV B . 3.59 -5.99 3.61
C14 PYV B . 4.02 -7.31 3.58
C15 PYV B . 5.36 -7.59 3.49
C16 PYV B . 6.26 -6.54 3.42
C1 GOL C . 20.73 3.14 -1.23
O1 GOL C . 20.44 2.67 0.06
C2 GOL C . 20.16 2.17 -2.27
O2 GOL C . 19.84 2.88 -3.45
C3 GOL C . 18.89 1.52 -1.72
O3 GOL C . 18.56 0.39 -2.49
C1 GOL D . 21.26 -8.25 4.89
O1 GOL D . 22.46 -8.97 5.00
C2 GOL D . 21.10 -7.67 3.48
O2 GOL D . 19.81 -7.12 3.31
C3 GOL D . 21.40 -8.71 2.41
O3 GOL D . 20.33 -9.63 2.32
C1 GOL E . -13.16 -6.21 1.77
O1 GOL E . -14.13 -5.22 2.01
C2 GOL E . -12.46 -5.92 0.44
O2 GOL E . -13.11 -6.64 -0.59
C3 GOL E . -11.02 -6.38 0.54
O3 GOL E . -10.98 -7.75 0.87
C1 GOL F . -0.21 1.18 -15.19
O1 GOL F . 0.20 0.08 -14.42
C2 GOL F . 0.06 2.45 -14.40
O2 GOL F . 0.37 3.51 -15.29
C3 GOL F . -1.18 2.83 -13.62
O3 GOL F . -2.14 3.33 -14.54
C1 GOL G . -7.79 4.53 -18.23
O1 GOL G . -6.77 3.56 -18.16
C2 GOL G . -8.12 5.04 -16.83
O2 GOL G . -8.30 6.45 -16.88
C3 GOL G . -9.38 4.38 -16.32
O3 GOL G . -9.63 4.76 -14.99
#